data_3QBY
#
_entry.id   3QBY
#
_cell.length_a   41.527
_cell.length_b   41.681
_cell.length_c   156.749
_cell.angle_alpha   90.000
_cell.angle_beta   90.000
_cell.angle_gamma   90.000
#
_symmetry.space_group_name_H-M   'P 21 21 21'
#
loop_
_entity.id
_entity.type
_entity.pdbx_description
1 polymer 'Hepatoma-derived growth factor-related protein 2'
2 polymer 'H4K20me3 Histone H4 Peptide'
3 non-polymer 'UNKNOWN ATOM OR ION'
4 non-polymer 'SULFATE ION'
5 water water
#
loop_
_entity_poly.entity_id
_entity_poly.type
_entity_poly.pdbx_seq_one_letter_code
_entity_poly.pdbx_strand_id
1 'polypeptide(L)'
;GMPHAFKPGDLVFAKMKGYPHWPARIDDIADGAVKPPPNKYPIFFFGTHETAFLGPKDLFPYDKCKDKYGKPNKRKGFNE
GLWEIQNNPHASYS
;
A,B,C
2 'polypeptide(L)' AKRHR(M3L)VLRDN H
#
# COMPACT_ATOMS: atom_id res chain seq x y z
N MET A 2 26.17 -9.22 17.43
CA MET A 2 26.10 -8.12 16.42
C MET A 2 24.73 -8.03 15.72
N PRO A 3 24.32 -6.79 15.37
CA PRO A 3 23.07 -6.49 14.67
C PRO A 3 22.99 -6.96 13.21
N HIS A 4 21.76 -7.25 12.78
CA HIS A 4 21.52 -7.63 11.41
C HIS A 4 20.81 -6.44 10.74
N ALA A 5 20.56 -6.53 9.44
CA ALA A 5 19.65 -5.61 8.77
C ALA A 5 18.25 -5.73 9.36
N PHE A 6 17.42 -4.71 9.15
CA PHE A 6 16.03 -4.77 9.58
C PHE A 6 15.24 -5.84 8.83
N LYS A 7 14.29 -6.46 9.55
CA LYS A 7 13.42 -7.49 8.99
C LYS A 7 12.00 -7.32 9.53
N PRO A 8 10.97 -7.79 8.77
CA PRO A 8 9.61 -7.81 9.28
C PRO A 8 9.54 -8.37 10.71
N GLY A 9 8.78 -7.70 11.59
CA GLY A 9 8.65 -8.13 12.97
C GLY A 9 9.61 -7.45 13.95
N ASP A 10 10.67 -6.83 13.46
CA ASP A 10 11.57 -6.05 14.32
C ASP A 10 10.81 -4.88 14.98
N LEU A 11 11.03 -4.66 16.27
CA LEU A 11 10.35 -3.55 16.98
C LEU A 11 11.28 -2.37 17.12
N VAL A 12 10.73 -1.19 16.90
CA VAL A 12 11.52 0.02 16.87
C VAL A 12 10.76 1.19 17.49
N PHE A 13 11.47 2.27 17.79
CA PHE A 13 10.84 3.54 17.80
C PHE A 13 11.19 4.20 16.49
N ALA A 14 10.19 4.77 15.83
CA ALA A 14 10.39 5.35 14.51
C ALA A 14 10.25 6.85 14.59
N LYS A 15 11.17 7.57 13.94
CA LYS A 15 11.18 9.02 14.04
C LYS A 15 10.68 9.68 12.76
N MET A 16 9.55 10.38 12.90
CA MET A 16 9.01 11.23 11.84
C MET A 16 9.16 12.68 12.23
N LYS A 17 9.45 13.53 11.24
CA LYS A 17 9.58 14.97 11.44
C LYS A 17 8.33 15.51 12.11
N GLY A 18 8.53 16.25 13.20
CA GLY A 18 7.44 16.87 13.94
C GLY A 18 6.76 15.99 14.97
N TYR A 19 7.23 14.74 15.09
CA TYR A 19 6.65 13.77 16.00
C TYR A 19 7.72 13.23 16.94
N PRO A 20 7.33 12.88 18.17
CA PRO A 20 8.19 12.11 19.08
C PRO A 20 8.55 10.75 18.48
N HIS A 21 9.69 10.19 18.87
CA HIS A 21 10.03 8.81 18.52
C HIS A 21 8.85 7.93 18.91
N TRP A 22 8.36 7.13 17.95
CA TRP A 22 7.04 6.52 18.06
C TRP A 22 7.10 5.00 18.02
N PRO A 23 6.37 4.31 18.94
CA PRO A 23 6.45 2.87 18.87
C PRO A 23 5.92 2.32 17.55
N ALA A 24 6.70 1.39 16.97
CA ALA A 24 6.42 0.92 15.62
C ALA A 24 7.06 -0.44 15.37
N ARG A 25 6.69 -1.05 14.25
CA ARG A 25 7.35 -2.28 13.83
C ARG A 25 7.68 -2.19 12.35
N ILE A 26 8.67 -2.97 11.93
CA ILE A 26 8.89 -3.21 10.52
C ILE A 26 7.80 -4.16 10.07
N ASP A 27 6.97 -3.66 9.16
CA ASP A 27 5.85 -4.45 8.76
C ASP A 27 6.28 -5.46 7.73
N ASP A 28 5.46 -6.51 7.62
CA ASP A 28 5.55 -7.39 6.48
C ASP A 28 4.79 -6.72 5.34
N ILE A 29 4.96 -7.26 4.15
CA ILE A 29 4.28 -6.76 2.96
C ILE A 29 3.47 -7.93 2.48
N ALA A 30 2.13 -7.80 2.56
CA ALA A 30 1.21 -8.82 2.10
C ALA A 30 1.35 -9.06 0.60
N ASP A 31 1.07 -10.28 0.17
CA ASP A 31 1.02 -10.55 -1.25
C ASP A 31 0.05 -9.55 -1.88
N GLY A 32 0.46 -8.93 -3.00
CA GLY A 32 -0.42 -8.03 -3.74
C GLY A 32 -0.38 -6.57 -3.25
N ALA A 33 0.29 -6.36 -2.13
CA ALA A 33 0.34 -5.03 -1.50
C ALA A 33 1.44 -4.14 -2.08
N VAL A 34 1.32 -2.84 -1.85
CA VAL A 34 2.29 -1.88 -2.39
C VAL A 34 3.62 -2.02 -1.67
N LYS A 35 4.68 -2.22 -2.45
CA LYS A 35 6.03 -2.32 -1.91
C LYS A 35 6.59 -0.93 -1.61
N PRO A 36 7.51 -0.84 -0.63
CA PRO A 36 8.26 0.40 -0.34
C PRO A 36 9.20 0.82 -1.45
N PRO A 37 9.67 2.08 -1.42
CA PRO A 37 10.74 2.46 -2.31
C PRO A 37 12.03 1.74 -1.92
N PRO A 38 13.00 1.66 -2.86
CA PRO A 38 14.37 1.22 -2.60
C PRO A 38 14.95 1.79 -1.29
N ASN A 39 15.60 0.94 -0.50
CA ASN A 39 16.24 1.34 0.78
C ASN A 39 15.30 1.87 1.85
N LYS A 40 13.99 1.72 1.64
CA LYS A 40 13.00 2.08 2.68
C LYS A 40 12.27 0.82 3.18
N TYR A 41 11.76 0.91 4.41
CA TYR A 41 11.01 -0.16 5.03
C TYR A 41 9.60 0.30 5.27
N PRO A 42 8.61 -0.62 5.18
CA PRO A 42 7.26 -0.29 5.58
C PRO A 42 7.16 -0.26 7.11
N ILE A 43 6.83 0.88 7.68
CA ILE A 43 6.80 0.99 9.12
C ILE A 43 5.35 1.08 9.54
N PHE A 44 4.93 0.17 10.41
CA PHE A 44 3.61 0.23 10.98
C PHE A 44 3.68 0.87 12.36
N PHE A 45 2.99 1.99 12.54
CA PHE A 45 3.06 2.78 13.78
C PHE A 45 1.97 2.27 14.68
N PHE A 46 2.34 1.82 15.87
CA PHE A 46 1.34 1.36 16.85
C PHE A 46 0.48 2.52 17.32
N GLY A 47 -0.75 2.21 17.70
CA GLY A 47 -1.70 3.21 18.23
C GLY A 47 -2.46 3.91 17.12
N THR A 48 -1.74 4.58 16.23
CA THR A 48 -2.37 5.27 15.11
C THR A 48 -2.73 4.28 14.01
N HIS A 49 -1.95 3.20 13.94
CA HIS A 49 -2.09 2.13 12.95
C HIS A 49 -1.78 2.57 11.50
N GLU A 50 -0.96 3.62 11.38
CA GLU A 50 -0.64 4.20 10.08
C GLU A 50 0.66 3.56 9.60
N THR A 51 0.89 3.59 8.29
CA THR A 51 2.15 3.09 7.70
C THR A 51 2.89 4.23 7.00
N ALA A 52 4.20 4.31 7.19
CA ALA A 52 5.04 5.18 6.37
C ALA A 52 6.25 4.40 5.93
N PHE A 53 6.94 4.90 4.91
CA PHE A 53 8.16 4.31 4.43
C PHE A 53 9.36 5.09 4.96
N LEU A 54 10.22 4.42 5.72
CA LEU A 54 11.37 5.08 6.33
C LEU A 54 12.67 4.32 6.10
N GLY A 55 13.78 5.05 6.11
CA GLY A 55 15.10 4.44 6.03
C GLY A 55 15.60 4.19 7.46
N PRO A 56 16.64 3.36 7.62
CA PRO A 56 17.19 3.08 8.96
C PRO A 56 17.62 4.29 9.81
N LYS A 57 17.99 5.43 9.22
CA LYS A 57 18.39 6.62 9.99
C LYS A 57 17.28 7.01 10.96
N ASP A 58 16.05 6.66 10.62
CA ASP A 58 14.88 7.01 11.42
C ASP A 58 14.34 5.87 12.31
N LEU A 59 15.11 4.79 12.42
CA LEU A 59 14.64 3.56 13.08
C LEU A 59 15.53 3.17 14.26
N PHE A 60 14.94 3.19 15.45
CA PHE A 60 15.67 3.02 16.72
C PHE A 60 15.20 1.69 17.33
N PRO A 61 16.09 0.70 17.46
CA PRO A 61 15.70 -0.59 18.03
C PRO A 61 15.04 -0.48 19.42
N TYR A 62 13.90 -1.14 19.58
CA TYR A 62 13.03 -0.96 20.75
C TYR A 62 13.70 -1.38 22.06
N ASP A 63 14.44 -2.49 22.03
CA ASP A 63 15.03 -3.02 23.27
C ASP A 63 16.11 -2.03 23.80
N LYS A 64 16.88 -1.46 22.87
CA LYS A 64 17.93 -0.49 23.23
C LYS A 64 17.37 0.83 23.79
N CYS A 65 16.29 1.34 23.18
CA CYS A 65 15.85 2.72 23.40
CA CYS A 65 15.87 2.73 23.41
C CYS A 65 14.54 2.90 24.18
N LYS A 66 13.94 1.80 24.60
CA LYS A 66 12.67 1.88 25.34
C LYS A 66 12.70 2.70 26.64
N ASP A 67 13.85 2.70 27.34
CA ASP A 67 13.98 3.48 28.56
C ASP A 67 13.89 4.97 28.23
N LYS A 68 14.41 5.34 27.06
CA LYS A 68 14.48 6.73 26.66
C LYS A 68 13.15 7.23 26.09
N TYR A 69 12.54 6.42 25.22
CA TYR A 69 11.40 6.87 24.44
C TYR A 69 10.08 6.24 24.89
N GLY A 70 10.14 5.21 25.73
CA GLY A 70 8.94 4.43 26.06
C GLY A 70 8.21 5.04 27.24
N LYS A 71 7.66 6.22 27.03
CA LYS A 71 7.08 7.01 28.10
C LYS A 71 5.83 7.68 27.55
N PRO A 72 4.78 7.81 28.39
CA PRO A 72 3.53 8.37 27.86
C PRO A 72 3.73 9.73 27.18
N ASN A 73 3.04 9.94 26.07
CA ASN A 73 3.07 11.21 25.36
C ASN A 73 1.64 11.66 25.09
N LYS A 74 1.41 12.97 25.17
CA LYS A 74 0.09 13.54 24.97
C LYS A 74 -0.53 13.24 23.60
N ARG A 75 0.31 12.99 22.59
CA ARG A 75 -0.14 12.87 21.20
C ARG A 75 -1.14 11.73 20.97
N LYS A 76 -2.12 12.00 20.09
CA LYS A 76 -3.14 11.03 19.72
C LYS A 76 -2.53 9.68 19.35
N GLY A 77 -3.01 8.62 20.01
CA GLY A 77 -2.59 7.28 19.65
C GLY A 77 -1.30 6.81 20.29
N PHE A 78 -0.52 7.73 20.89
CA PHE A 78 0.80 7.34 21.42
C PHE A 78 0.73 6.29 22.53
N ASN A 79 -0.16 6.51 23.51
CA ASN A 79 -0.22 5.64 24.68
C ASN A 79 -0.82 4.28 24.36
N GLU A 80 -1.81 4.26 23.46
CA GLU A 80 -2.29 2.99 22.91
C GLU A 80 -1.12 2.28 22.21
N GLY A 81 -0.31 3.06 21.48
CA GLY A 81 0.89 2.53 20.80
C GLY A 81 1.86 1.86 21.76
N LEU A 82 2.11 2.53 22.88
CA LEU A 82 2.93 1.96 23.96
C LEU A 82 2.39 0.61 24.45
N TRP A 83 1.08 0.53 24.72
CA TRP A 83 0.47 -0.73 25.13
C TRP A 83 0.70 -1.80 24.06
N GLU A 84 0.49 -1.45 22.78
CA GLU A 84 0.57 -2.46 21.71
C GLU A 84 1.98 -3.01 21.52
N ILE A 85 2.98 -2.14 21.52
CA ILE A 85 4.35 -2.60 21.32
C ILE A 85 4.82 -3.53 22.48
N GLN A 86 4.30 -3.29 23.68
CA GLN A 86 4.70 -4.06 24.87
CA GLN A 86 4.68 -4.05 24.88
C GLN A 86 3.91 -5.35 24.98
N ASN A 87 2.62 -5.31 24.63
CA ASN A 87 1.70 -6.42 24.90
C ASN A 87 1.27 -7.32 23.74
N ASN A 88 1.17 -6.78 22.54
CA ASN A 88 0.84 -7.62 21.37
C ASN A 88 1.38 -6.98 20.08
N PRO A 89 2.71 -6.87 19.97
CA PRO A 89 3.34 -6.14 18.89
C PRO A 89 3.21 -6.84 17.52
N HIS A 90 2.87 -8.13 17.48
CA HIS A 90 2.85 -8.92 16.24
C HIS A 90 1.43 -9.26 15.77
N ALA A 91 0.46 -8.65 16.43
CA ALA A 91 -0.95 -8.93 16.11
C ALA A 91 -1.40 -8.23 14.84
N SER A 92 -2.54 -8.66 14.32
CA SER A 92 -3.22 -8.00 13.21
C SER A 92 -4.00 -6.80 13.75
N TYR A 93 -3.62 -5.60 13.32
CA TYR A 93 -4.34 -4.38 13.69
C TYR A 93 -5.23 -3.85 12.53
N SER A 94 -5.23 -4.58 11.42
CA SER A 94 -6.26 -4.43 10.38
C SER A 94 -6.87 -5.80 10.08
N ALA B 5 -15.94 -21.95 -23.34
CA ALA B 5 -15.66 -21.75 -21.88
C ALA B 5 -14.16 -21.67 -21.59
N PHE B 6 -13.81 -21.47 -20.32
CA PHE B 6 -12.41 -21.54 -19.87
C PHE B 6 -12.08 -23.00 -19.52
N LYS B 7 -10.84 -23.37 -19.77
CA LYS B 7 -10.39 -24.74 -19.53
C LYS B 7 -9.11 -24.66 -18.71
N PRO B 8 -8.79 -25.74 -17.96
CA PRO B 8 -7.56 -25.72 -17.17
C PRO B 8 -6.36 -25.44 -18.04
N GLY B 9 -5.53 -24.50 -17.62
CA GLY B 9 -4.34 -24.10 -18.36
C GLY B 9 -4.55 -22.86 -19.19
N ASP B 10 -5.79 -22.41 -19.32
CA ASP B 10 -6.05 -21.13 -19.94
C ASP B 10 -5.39 -20.02 -19.14
N LEU B 11 -4.73 -19.10 -19.84
CA LEU B 11 -4.04 -17.97 -19.21
C LEU B 11 -4.86 -16.70 -19.26
N VAL B 12 -4.92 -16.01 -18.13
CA VAL B 12 -5.79 -14.86 -18.00
C VAL B 12 -5.12 -13.78 -17.18
N PHE B 13 -5.74 -12.60 -17.21
CA PHE B 13 -5.60 -11.66 -16.11
C PHE B 13 -6.87 -11.80 -15.32
N ALA B 14 -6.72 -11.98 -14.00
CA ALA B 14 -7.86 -12.14 -13.12
C ALA B 14 -8.03 -10.94 -12.19
N LYS B 15 -9.26 -10.41 -12.11
CA LYS B 15 -9.53 -9.18 -11.35
C LYS B 15 -10.18 -9.47 -10.01
N MET B 16 -9.55 -8.97 -8.93
CA MET B 16 -10.17 -8.95 -7.61
C MET B 16 -10.18 -7.55 -7.05
N LYS B 17 -11.15 -7.26 -6.19
CA LYS B 17 -11.27 -5.92 -5.63
C LYS B 17 -10.00 -5.55 -4.84
N GLY B 18 -9.49 -4.35 -5.08
CA GLY B 18 -8.33 -3.83 -4.36
C GLY B 18 -7.01 -4.10 -5.07
N TYR B 19 -7.06 -4.85 -6.18
CA TYR B 19 -5.85 -5.28 -6.89
C TYR B 19 -5.95 -5.02 -8.40
N PRO B 20 -4.79 -4.77 -9.05
CA PRO B 20 -4.80 -4.73 -10.53
C PRO B 20 -5.17 -6.06 -11.12
N HIS B 21 -5.63 -6.03 -12.37
CA HIS B 21 -5.82 -7.26 -13.16
C HIS B 21 -4.52 -8.03 -13.09
N TRP B 22 -4.61 -9.26 -12.63
CA TRP B 22 -3.43 -10.01 -12.18
C TRP B 22 -3.18 -11.23 -13.07
N PRO B 23 -1.92 -11.44 -13.52
CA PRO B 23 -1.58 -12.62 -14.33
C PRO B 23 -1.91 -13.91 -13.58
N ALA B 24 -2.67 -14.80 -14.22
CA ALA B 24 -3.19 -15.97 -13.55
C ALA B 24 -3.53 -17.07 -14.56
N ARG B 25 -3.84 -18.26 -14.06
CA ARG B 25 -4.28 -19.34 -14.92
C ARG B 25 -5.49 -20.02 -14.32
N ILE B 26 -6.24 -20.74 -15.16
CA ILE B 26 -7.28 -21.63 -14.68
C ILE B 26 -6.59 -22.92 -14.27
N ASP B 27 -6.80 -23.34 -13.02
CA ASP B 27 -6.23 -24.58 -12.50
C ASP B 27 -7.22 -25.71 -12.76
N ASP B 28 -6.76 -26.97 -12.66
CA ASP B 28 -7.66 -28.12 -12.80
C ASP B 28 -8.18 -28.62 -11.44
N PRO B 36 -14.96 -25.92 -7.00
CA PRO B 36 -15.42 -24.56 -7.25
C PRO B 36 -16.96 -24.46 -7.25
N PRO B 37 -17.51 -23.33 -6.77
CA PRO B 37 -18.96 -23.09 -6.87
C PRO B 37 -19.40 -22.97 -8.35
N PRO B 38 -20.69 -23.22 -8.65
CA PRO B 38 -21.25 -23.12 -10.01
C PRO B 38 -20.85 -21.84 -10.78
N ASN B 39 -20.52 -22.03 -12.06
CA ASN B 39 -19.93 -21.00 -12.95
C ASN B 39 -18.71 -20.23 -12.42
N LYS B 40 -17.98 -20.82 -11.48
CA LYS B 40 -16.71 -20.24 -11.06
C LYS B 40 -15.59 -21.24 -11.32
N TYR B 41 -14.38 -20.69 -11.44
CA TYR B 41 -13.21 -21.49 -11.79
C TYR B 41 -12.14 -21.37 -10.71
N PRO B 42 -11.34 -22.43 -10.54
CA PRO B 42 -10.20 -22.28 -9.64
C PRO B 42 -9.12 -21.48 -10.34
N ILE B 43 -8.72 -20.39 -9.71
CA ILE B 43 -7.73 -19.49 -10.28
C ILE B 43 -6.42 -19.62 -9.52
N PHE B 44 -5.32 -19.68 -10.25
CA PHE B 44 -4.00 -19.64 -9.67
C PHE B 44 -3.35 -18.32 -10.08
N PHE B 45 -2.98 -17.50 -9.10
CA PHE B 45 -2.35 -16.21 -9.39
C PHE B 45 -0.86 -16.37 -9.45
N PHE B 46 -0.26 -15.99 -10.57
CA PHE B 46 1.19 -16.08 -10.69
C PHE B 46 1.88 -15.09 -9.75
N GLY B 47 3.13 -15.38 -9.39
CA GLY B 47 3.91 -14.48 -8.54
C GLY B 47 3.62 -14.69 -7.07
N THR B 48 2.37 -14.51 -6.67
CA THR B 48 1.99 -14.71 -5.28
C THR B 48 1.73 -16.17 -4.98
N HIS B 49 1.38 -16.91 -6.03
CA HIS B 49 1.00 -18.32 -5.95
C HIS B 49 -0.23 -18.57 -5.07
N GLU B 50 -1.07 -17.55 -4.96
CA GLU B 50 -2.34 -17.65 -4.24
C GLU B 50 -3.40 -18.26 -5.13
N THR B 51 -4.48 -18.71 -4.51
CA THR B 51 -5.62 -19.23 -5.24
C THR B 51 -6.91 -18.50 -4.82
N ALA B 52 -7.88 -18.46 -5.73
CA ALA B 52 -9.22 -17.99 -5.41
C ALA B 52 -10.21 -18.66 -6.36
N PHE B 53 -11.50 -18.47 -6.09
CA PHE B 53 -12.53 -18.90 -7.02
C PHE B 53 -13.16 -17.65 -7.64
N LEU B 54 -13.05 -17.52 -8.96
CA LEU B 54 -13.62 -16.37 -9.67
C LEU B 54 -14.51 -16.78 -10.83
N GLY B 55 -15.51 -15.96 -11.12
CA GLY B 55 -16.38 -16.12 -12.29
C GLY B 55 -15.85 -15.40 -13.53
N PRO B 56 -16.43 -15.70 -14.70
CA PRO B 56 -15.87 -15.18 -15.95
C PRO B 56 -15.86 -13.65 -16.07
N LYS B 57 -16.70 -12.94 -15.31
CA LYS B 57 -16.73 -11.48 -15.40
C LYS B 57 -15.39 -10.85 -14.97
N ASP B 58 -14.63 -11.61 -14.18
CA ASP B 58 -13.37 -11.15 -13.61
C ASP B 58 -12.18 -11.79 -14.32
N LEU B 59 -12.44 -12.48 -15.43
CA LEU B 59 -11.39 -13.25 -16.14
C LEU B 59 -11.18 -12.72 -17.56
N PHE B 60 -9.98 -12.22 -17.84
CA PHE B 60 -9.66 -11.60 -19.11
C PHE B 60 -8.60 -12.44 -19.85
N PRO B 61 -8.88 -12.87 -21.10
CA PRO B 61 -7.85 -13.68 -21.81
C PRO B 61 -6.50 -12.96 -21.89
N TYR B 62 -5.43 -13.69 -21.60
CA TYR B 62 -4.10 -13.12 -21.49
C TYR B 62 -3.60 -12.47 -22.76
N ASP B 63 -3.64 -13.22 -23.86
CA ASP B 63 -3.12 -12.77 -25.16
C ASP B 63 -3.86 -11.55 -25.66
N LYS B 64 -5.19 -11.55 -25.48
CA LYS B 64 -6.03 -10.44 -25.88
C LYS B 64 -5.69 -9.16 -25.09
N CYS B 65 -5.42 -9.31 -23.79
CA CYS B 65 -5.39 -8.18 -22.85
C CYS B 65 -4.02 -7.80 -22.28
N LYS B 66 -2.97 -8.50 -22.71
CA LYS B 66 -1.65 -8.31 -22.12
C LYS B 66 -1.02 -6.95 -22.40
N ASP B 67 -1.45 -6.32 -23.49
CA ASP B 67 -0.98 -4.98 -23.84
C ASP B 67 -1.54 -3.93 -22.89
N LYS B 68 -2.77 -4.13 -22.44
CA LYS B 68 -3.40 -3.26 -21.46
C LYS B 68 -2.99 -3.58 -20.03
N TYR B 69 -3.00 -4.85 -19.64
CA TYR B 69 -2.81 -5.25 -18.24
C TYR B 69 -1.42 -5.76 -17.84
N GLY B 70 -0.58 -6.07 -18.81
CA GLY B 70 0.69 -6.74 -18.51
C GLY B 70 1.89 -5.83 -18.33
N LYS B 71 1.71 -4.76 -17.59
CA LYS B 71 2.78 -3.80 -17.39
C LYS B 71 3.19 -3.79 -15.93
N PRO B 72 4.51 -3.75 -15.66
CA PRO B 72 5.03 -3.81 -14.28
C PRO B 72 4.38 -2.78 -13.35
N ASN B 73 4.18 -3.15 -12.08
CA ASN B 73 3.72 -2.18 -11.08
C ASN B 73 4.42 -2.42 -9.76
N LYS B 74 4.05 -1.67 -8.72
CA LYS B 74 4.71 -1.78 -7.41
C LYS B 74 4.09 -2.81 -6.43
N ARG B 75 3.16 -3.63 -6.91
CA ARG B 75 2.51 -4.61 -6.02
C ARG B 75 3.39 -5.83 -5.85
N LYS B 76 3.56 -6.27 -4.59
CA LYS B 76 4.32 -7.47 -4.28
C LYS B 76 3.80 -8.71 -5.02
N GLY B 77 4.69 -9.32 -5.81
CA GLY B 77 4.39 -10.56 -6.51
C GLY B 77 4.00 -10.31 -7.95
N PHE B 78 3.68 -9.07 -8.30
CA PHE B 78 3.15 -8.79 -9.65
C PHE B 78 4.18 -8.98 -10.74
N ASN B 79 5.35 -8.37 -10.58
CA ASN B 79 6.38 -8.49 -11.62
C ASN B 79 6.92 -9.90 -11.79
N GLU B 80 7.01 -10.64 -10.69
CA GLU B 80 7.33 -12.07 -10.78
C GLU B 80 6.22 -12.83 -11.51
N GLY B 81 4.97 -12.45 -11.23
CA GLY B 81 3.80 -13.02 -11.88
C GLY B 81 3.85 -12.83 -13.37
N LEU B 82 4.27 -11.63 -13.80
CA LEU B 82 4.44 -11.36 -15.22
C LEU B 82 5.51 -12.25 -15.84
N TRP B 83 6.63 -12.45 -15.14
CA TRP B 83 7.68 -13.34 -15.63
C TRP B 83 7.16 -14.77 -15.78
N GLU B 84 6.44 -15.27 -14.78
CA GLU B 84 5.91 -16.64 -14.79
C GLU B 84 4.91 -16.93 -15.92
N ILE B 85 3.98 -16.02 -16.14
CA ILE B 85 2.96 -16.23 -17.16
C ILE B 85 3.57 -16.19 -18.57
N GLN B 86 4.66 -15.45 -18.75
CA GLN B 86 5.36 -15.38 -20.03
C GLN B 86 6.28 -16.59 -20.23
N ASN B 87 6.98 -17.00 -19.18
CA ASN B 87 8.11 -17.93 -19.34
C ASN B 87 7.84 -19.38 -18.97
N ASN B 88 6.94 -19.61 -18.02
CA ASN B 88 6.63 -20.98 -17.61
C ASN B 88 5.26 -21.03 -16.95
N PRO B 89 4.20 -20.73 -17.72
CA PRO B 89 2.88 -20.60 -17.14
C PRO B 89 2.28 -21.90 -16.62
N HIS B 90 2.77 -23.05 -17.08
CA HIS B 90 2.16 -24.32 -16.72
C HIS B 90 2.94 -25.14 -15.72
N ALA B 91 3.94 -24.54 -15.08
CA ALA B 91 4.82 -25.28 -14.15
C ALA B 91 4.12 -25.52 -12.81
N SER B 92 4.58 -26.51 -12.05
CA SER B 92 4.14 -26.65 -10.66
C SER B 92 4.84 -25.59 -9.80
N TYR B 93 4.04 -24.75 -9.15
CA TYR B 93 4.55 -23.69 -8.27
C TYR B 93 4.39 -23.97 -6.79
N SER B 94 3.90 -25.18 -6.48
CA SER B 94 3.54 -25.58 -5.11
C SER B 94 4.78 -25.77 -4.24
N PHE C 6 -14.75 12.03 -11.78
CA PHE C 6 -13.63 13.02 -11.68
C PHE C 6 -13.22 13.50 -13.06
N LYS C 7 -12.81 14.76 -13.14
CA LYS C 7 -12.44 15.41 -14.40
C LYS C 7 -11.17 16.24 -14.21
N PRO C 8 -10.38 16.47 -15.27
CA PRO C 8 -9.17 17.30 -15.16
C PRO C 8 -9.43 18.66 -14.48
N GLY C 9 -8.77 18.89 -13.35
CA GLY C 9 -8.95 20.10 -12.55
C GLY C 9 -9.66 19.91 -11.22
N ASP C 10 -10.46 18.84 -11.10
CA ASP C 10 -11.17 18.50 -9.87
C ASP C 10 -10.20 18.41 -8.71
N LEU C 11 -10.53 19.10 -7.61
CA LEU C 11 -9.71 19.09 -6.40
C LEU C 11 -10.07 17.92 -5.51
N VAL C 12 -9.05 17.24 -4.99
CA VAL C 12 -9.24 16.02 -4.21
C VAL C 12 -8.26 15.89 -3.03
N PHE C 13 -8.55 14.96 -2.14
CA PHE C 13 -7.52 14.35 -1.29
C PHE C 13 -7.23 12.99 -1.89
N ALA C 14 -5.95 12.69 -2.08
CA ALA C 14 -5.49 11.51 -2.77
C ALA C 14 -4.68 10.67 -1.79
N LYS C 15 -4.97 9.38 -1.71
CA LYS C 15 -4.31 8.51 -0.73
C LYS C 15 -3.39 7.53 -1.42
N MET C 16 -2.11 7.55 -1.03
CA MET C 16 -1.13 6.56 -1.45
C MET C 16 -0.67 5.83 -0.19
N LYS C 17 -0.36 4.55 -0.32
CA LYS C 17 0.19 3.77 0.79
C LYS C 17 1.43 4.50 1.34
N GLY C 18 1.47 4.71 2.66
CA GLY C 18 2.65 5.27 3.33
C GLY C 18 2.56 6.77 3.53
N TYR C 19 1.42 7.34 3.15
CA TYR C 19 1.22 8.80 3.19
C TYR C 19 -0.19 9.13 3.71
N PRO C 20 -0.36 10.28 4.41
CA PRO C 20 -1.71 10.71 4.76
C PRO C 20 -2.48 11.12 3.51
N HIS C 21 -3.80 11.17 3.62
CA HIS C 21 -4.67 11.77 2.59
C HIS C 21 -4.16 13.16 2.22
N TRP C 22 -3.81 13.35 0.95
CA TRP C 22 -2.98 14.49 0.53
C TRP C 22 -3.73 15.43 -0.43
N PRO C 23 -3.68 16.78 -0.19
CA PRO C 23 -4.36 17.67 -1.15
C PRO C 23 -3.76 17.55 -2.55
N ALA C 24 -4.63 17.43 -3.53
CA ALA C 24 -4.22 17.07 -4.88
C ALA C 24 -5.30 17.53 -5.85
N ARG C 25 -5.00 17.42 -7.14
CA ARG C 25 -5.98 17.71 -8.16
C ARG C 25 -5.84 16.67 -9.26
N ILE C 26 -6.92 16.45 -10.01
CA ILE C 26 -6.86 15.59 -11.20
C ILE C 26 -6.18 16.37 -12.31
N ASP C 27 -5.16 15.75 -12.90
CA ASP C 27 -4.33 16.38 -13.91
C ASP C 27 -4.85 16.13 -15.33
N PRO C 37 -2.49 3.34 -18.13
CA PRO C 37 -2.69 2.60 -16.88
C PRO C 37 -4.18 2.45 -16.52
N PRO C 38 -4.75 1.25 -16.74
CA PRO C 38 -6.21 1.01 -16.70
C PRO C 38 -6.94 1.54 -15.46
N ASN C 39 -7.95 2.36 -15.71
CA ASN C 39 -8.73 3.08 -14.68
C ASN C 39 -7.92 3.75 -13.58
N LYS C 40 -6.85 4.44 -13.98
CA LYS C 40 -6.10 5.29 -13.05
C LYS C 40 -6.15 6.74 -13.55
N TYR C 41 -6.26 7.68 -12.60
CA TYR C 41 -6.23 9.12 -12.90
C TYR C 41 -4.81 9.67 -12.75
N PRO C 42 -4.45 10.68 -13.58
CA PRO C 42 -3.22 11.40 -13.29
C PRO C 42 -3.46 12.37 -12.16
N ILE C 43 -2.64 12.26 -11.11
CA ILE C 43 -2.81 13.06 -9.90
C ILE C 43 -1.62 14.00 -9.72
N PHE C 44 -1.93 15.27 -9.46
CA PHE C 44 -0.93 16.28 -9.13
C PHE C 44 -1.10 16.62 -7.64
N PHE C 45 -0.05 16.37 -6.85
CA PHE C 45 -0.09 16.61 -5.41
C PHE C 45 0.38 18.01 -5.12
N PHE C 46 -0.46 18.78 -4.43
CA PHE C 46 -0.07 20.12 -3.97
C PHE C 46 1.08 20.05 -2.95
N GLY C 47 1.87 21.12 -2.87
CA GLY C 47 2.97 21.23 -1.91
C GLY C 47 4.27 20.63 -2.44
N THR C 48 4.28 19.32 -2.64
CA THR C 48 5.44 18.60 -3.20
C THR C 48 5.52 18.76 -4.72
N HIS C 49 4.35 19.00 -5.33
CA HIS C 49 4.21 19.19 -6.79
C HIS C 49 4.63 17.95 -7.58
N GLU C 50 4.44 16.78 -6.97
CA GLU C 50 4.75 15.50 -7.62
C GLU C 50 3.50 14.97 -8.32
N THR C 51 3.68 13.96 -9.18
CA THR C 51 2.52 13.37 -9.84
C THR C 51 2.54 11.86 -9.61
N ALA C 52 1.36 11.26 -9.60
CA ALA C 52 1.21 9.79 -9.60
C ALA C 52 -0.02 9.41 -10.42
N PHE C 53 -0.20 8.10 -10.62
CA PHE C 53 -1.46 7.56 -11.14
C PHE C 53 -2.19 6.83 -10.01
N LEU C 54 -3.46 7.19 -9.76
CA LEU C 54 -4.25 6.55 -8.71
C LEU C 54 -5.65 6.19 -9.18
N GLY C 55 -6.19 5.08 -8.67
CA GLY C 55 -7.56 4.68 -8.97
C GLY C 55 -8.56 5.51 -8.18
N PRO C 56 -9.84 5.45 -8.56
CA PRO C 56 -10.87 6.28 -7.89
C PRO C 56 -11.06 5.97 -6.40
N LYS C 57 -10.77 4.73 -6.00
CA LYS C 57 -10.83 4.32 -4.59
C LYS C 57 -9.92 5.16 -3.68
N ASP C 58 -8.82 5.67 -4.24
CA ASP C 58 -7.86 6.47 -3.47
C ASP C 58 -8.17 7.96 -3.48
N LEU C 59 -9.29 8.34 -4.09
CA LEU C 59 -9.58 9.76 -4.32
C LEU C 59 -10.84 10.21 -3.60
N PHE C 60 -10.77 11.42 -3.05
CA PHE C 60 -11.82 11.96 -2.19
C PHE C 60 -12.09 13.42 -2.56
N PRO C 61 -13.35 13.75 -2.96
CA PRO C 61 -13.64 15.14 -3.37
C PRO C 61 -13.29 16.13 -2.27
N TYR C 62 -12.59 17.20 -2.64
CA TYR C 62 -12.08 18.22 -1.70
C TYR C 62 -13.14 18.90 -0.84
N ASP C 63 -14.21 19.39 -1.47
CA ASP C 63 -15.28 20.07 -0.75
C ASP C 63 -15.97 19.11 0.23
N LYS C 64 -16.15 17.87 -0.20
CA LYS C 64 -16.84 16.85 0.61
C LYS C 64 -16.05 16.42 1.85
N CYS C 65 -14.72 16.34 1.72
CA CYS C 65 -13.90 15.68 2.73
C CYS C 65 -12.88 16.57 3.44
N LYS C 66 -12.85 17.87 3.08
CA LYS C 66 -11.87 18.77 3.70
C LYS C 66 -12.03 18.86 5.22
N ASP C 67 -13.26 18.85 5.71
CA ASP C 67 -13.53 18.79 7.15
C ASP C 67 -12.72 17.66 7.81
N LYS C 68 -12.58 16.55 7.09
CA LYS C 68 -11.91 15.37 7.62
C LYS C 68 -10.39 15.40 7.37
N TYR C 69 -10.00 15.64 6.13
CA TYR C 69 -8.58 15.51 5.78
C TYR C 69 -7.85 16.86 5.66
N GLY C 70 -8.60 17.95 5.61
CA GLY C 70 -7.98 19.27 5.49
C GLY C 70 -7.54 19.74 6.86
N LYS C 71 -6.48 19.12 7.38
CA LYS C 71 -5.93 19.47 8.68
C LYS C 71 -4.42 19.38 8.57
N PRO C 72 -3.69 20.22 9.33
CA PRO C 72 -2.22 20.23 9.16
C PRO C 72 -1.53 18.92 9.54
N ASN C 73 -0.43 18.69 8.86
CA ASN C 73 0.33 17.47 9.01
C ASN C 73 1.79 17.86 8.95
N LYS C 74 2.64 17.16 9.68
CA LYS C 74 4.05 17.51 9.70
C LYS C 74 4.86 16.96 8.52
N ARG C 75 4.24 16.11 7.69
CA ARG C 75 4.91 15.52 6.51
C ARG C 75 5.40 16.61 5.53
N LYS C 76 6.60 16.44 5.00
CA LYS C 76 7.20 17.44 4.11
C LYS C 76 6.26 17.87 2.98
N GLY C 77 6.03 19.18 2.89
CA GLY C 77 5.22 19.74 1.82
C GLY C 77 3.73 19.76 2.06
N PHE C 78 3.25 19.09 3.10
CA PHE C 78 1.83 18.93 3.31
C PHE C 78 1.12 20.29 3.53
N ASN C 79 1.60 21.05 4.50
CA ASN C 79 0.95 22.33 4.84
C ASN C 79 1.03 23.37 3.72
N GLU C 80 2.16 23.42 3.01
CA GLU C 80 2.19 24.18 1.74
C GLU C 80 1.07 23.70 0.80
N GLY C 81 0.94 22.37 0.71
CA GLY C 81 -0.10 21.72 -0.10
C GLY C 81 -1.48 22.19 0.28
N LEU C 82 -1.76 22.20 1.58
CA LEU C 82 -3.01 22.75 2.10
C LEU C 82 -3.24 24.22 1.71
N TRP C 83 -2.19 25.04 1.75
CA TRP C 83 -2.33 26.45 1.35
C TRP C 83 -2.69 26.55 -0.14
N GLU C 84 -2.01 25.79 -0.99
CA GLU C 84 -2.28 25.82 -2.44
C GLU C 84 -3.70 25.40 -2.82
N ILE C 85 -4.18 24.30 -2.24
CA ILE C 85 -5.52 23.78 -2.55
C ILE C 85 -6.66 24.75 -2.19
N GLN C 86 -6.46 25.53 -1.14
CA GLN C 86 -7.49 26.49 -0.70
C GLN C 86 -7.36 27.84 -1.39
N ASN C 87 -6.12 28.25 -1.69
CA ASN C 87 -5.84 29.62 -2.18
C ASN C 87 -5.35 29.76 -3.63
N ASN C 88 -4.64 28.77 -4.15
CA ASN C 88 -4.18 28.81 -5.56
C ASN C 88 -4.22 27.41 -6.18
N PRO C 89 -5.42 26.84 -6.36
CA PRO C 89 -5.47 25.41 -6.75
C PRO C 89 -5.22 25.17 -8.23
N HIS C 90 -5.25 26.23 -9.04
CA HIS C 90 -5.01 26.11 -10.48
C HIS C 90 -3.89 27.05 -10.92
N HIS D 4 -2.16 -20.80 -0.95
CA HIS D 4 -2.76 -19.85 0.05
C HIS D 4 -3.96 -19.12 -0.55
N ARG D 5 -4.95 -18.85 0.29
CA ARG D 5 -6.21 -18.24 -0.14
C ARG D 5 -6.04 -16.76 -0.45
#